data_4RXV
#
_entry.id   4RXV
#
_cell.length_a   33.515
_cell.length_b   68.939
_cell.length_c   40.947
_cell.angle_alpha   90.00
_cell.angle_beta   112.53
_cell.angle_gamma   90.00
#
_symmetry.space_group_name_H-M   'P 1 21 1'
#
loop_
_entity.id
_entity.type
_entity.pdbx_description
1 polymer 'hypothetical protein lpg0944'
2 water water
#
_entity_poly.entity_id   1
_entity_poly.type   'polypeptide(L)'
_entity_poly.pdbx_seq_one_letter_code
;GMAIAPQQIQERLKQEQYQKFVVADIGNFPHCLAQTPEGIASGQRYQKYSTNSLSRTPPFSQWGAPQLLTPKSAQEYIKF
AQQRNKKSSFKIDGEAVRVSECSNFAYHSAGVLLDDPQIRTQYDVAVIGSMHSNGRYLHNITLLVPKGSRLPQPPEQLTA
EVFPIGTLIVDPWAVGMGHPPEQALAIPKEQFAYNRSLFPATVNYQSALDESLTSTRTGQLTPYTGTPS
;
_entity_poly.pdbx_strand_id   A
#
# COMPACT_ATOMS: atom_id res chain seq x y z
N GLY A 1 17.04 23.77 -0.95
CA GLY A 1 15.67 24.09 -0.48
C GLY A 1 15.13 22.94 0.34
N MET A 2 13.91 23.09 0.83
N MET A 2 13.89 23.11 0.80
CA MET A 2 13.31 22.03 1.62
CA MET A 2 13.15 22.08 1.53
C MET A 2 13.07 20.77 0.80
C MET A 2 13.11 20.76 0.76
N ALA A 3 13.02 19.66 1.50
CA ALA A 3 12.74 18.35 0.91
C ALA A 3 11.25 18.19 0.64
N ILE A 4 10.87 17.07 0.04
CA ILE A 4 9.46 16.79 -0.18
C ILE A 4 8.75 16.62 1.17
N ALA A 5 7.58 17.24 1.28
CA ALA A 5 6.79 17.24 2.50
C ALA A 5 5.78 16.10 2.54
N PRO A 6 5.38 15.68 3.75
CA PRO A 6 4.32 14.68 3.87
C PRO A 6 3.09 15.03 3.01
N GLN A 7 2.68 16.27 2.95
CA GLN A 7 1.48 16.63 2.17
C GLN A 7 1.61 16.24 0.70
N GLN A 8 2.77 16.50 0.10
CA GLN A 8 2.96 16.16 -1.32
C GLN A 8 3.05 14.65 -1.53
N ILE A 9 3.62 13.93 -0.56
CA ILE A 9 3.66 12.47 -0.65
C ILE A 9 2.22 11.93 -0.59
N GLN A 10 1.44 12.45 0.35
CA GLN A 10 0.05 12.04 0.47
C GLN A 10 -0.73 12.35 -0.79
N GLU A 11 -0.50 13.52 -1.38
CA GLU A 11 -1.17 13.88 -2.62
C GLU A 11 -0.83 12.91 -3.74
N ARG A 12 0.44 12.52 -3.86
CA ARG A 12 0.86 11.55 -4.86
C ARG A 12 0.11 10.22 -4.67
N LEU A 13 -0.04 9.78 -3.42
CA LEU A 13 -0.74 8.54 -3.14
C LEU A 13 -2.24 8.68 -3.39
N LYS A 14 -2.81 9.85 -3.11
CA LYS A 14 -4.22 10.09 -3.42
C LYS A 14 -4.51 9.94 -4.92
N GLN A 15 -3.53 10.28 -5.77
CA GLN A 15 -3.71 10.16 -7.20
C GLN A 15 -4.00 8.72 -7.63
N GLU A 16 -3.62 7.74 -6.81
CA GLU A 16 -3.84 6.35 -7.16
C GLU A 16 -5.27 5.89 -6.95
N GLN A 17 -6.08 6.70 -6.29
CA GLN A 17 -7.50 6.40 -6.06
C GLN A 17 -7.67 5.00 -5.47
N TYR A 18 -6.96 4.74 -4.38
CA TYR A 18 -6.98 3.41 -3.75
C TYR A 18 -8.38 3.02 -3.27
N GLN A 19 -9.21 4.00 -2.94
CA GLN A 19 -10.57 3.72 -2.50
C GLN A 19 -11.43 3.06 -3.58
N LYS A 20 -11.00 3.12 -4.82
CA LYS A 20 -11.75 2.56 -5.94
C LYS A 20 -11.37 1.14 -6.27
N PHE A 21 -10.34 0.60 -5.62
CA PHE A 21 -9.97 -0.78 -5.89
C PHE A 21 -11.09 -1.73 -5.46
N VAL A 22 -11.14 -2.88 -6.11
CA VAL A 22 -11.81 -4.04 -5.55
C VAL A 22 -10.90 -4.60 -4.46
N VAL A 23 -11.43 -4.71 -3.25
CA VAL A 23 -10.71 -5.24 -2.12
C VAL A 23 -11.27 -6.67 -1.93
N ALA A 24 -10.52 -7.66 -2.39
CA ALA A 24 -11.06 -9.01 -2.56
C ALA A 24 -11.36 -9.72 -1.25
N ASP A 25 -10.78 -9.24 -0.15
CA ASP A 25 -10.97 -9.85 1.17
C ASP A 25 -11.80 -8.96 2.09
N ILE A 26 -12.55 -8.01 1.53
CA ILE A 26 -13.32 -7.07 2.34
C ILE A 26 -14.26 -7.81 3.29
N GLY A 27 -14.83 -8.92 2.84
CA GLY A 27 -15.77 -9.70 3.65
C GLY A 27 -15.13 -10.39 4.84
N ASN A 28 -13.82 -10.57 4.79
N ASN A 28 -13.82 -10.56 4.79
CA ASN A 28 -13.11 -11.23 5.88
CA ASN A 28 -13.10 -11.24 5.86
C ASN A 28 -12.76 -10.27 7.02
C ASN A 28 -12.67 -10.27 6.98
N PHE A 29 -12.87 -8.98 6.76
CA PHE A 29 -12.42 -7.98 7.74
C PHE A 29 -13.46 -6.87 7.99
N PRO A 30 -14.69 -7.23 8.38
CA PRO A 30 -15.69 -6.20 8.64
C PRO A 30 -15.25 -5.21 9.72
N HIS A 31 -14.45 -5.68 10.66
CA HIS A 31 -13.94 -4.85 11.75
C HIS A 31 -12.90 -3.82 11.30
N CYS A 32 -12.41 -3.95 10.06
CA CYS A 32 -11.48 -3.00 9.47
C CYS A 32 -12.15 -2.08 8.47
N LEU A 33 -13.45 -2.26 8.25
CA LEU A 33 -14.18 -1.52 7.24
C LEU A 33 -14.75 -0.25 7.86
N ALA A 34 -14.38 0.91 7.33
CA ALA A 34 -14.89 2.17 7.80
C ALA A 34 -16.33 2.40 7.32
N GLN A 35 -17.14 2.99 8.18
CA GLN A 35 -18.49 3.40 7.77
C GLN A 35 -18.43 4.77 7.17
N THR A 36 -18.08 4.79 5.90
CA THR A 36 -17.93 6.02 5.16
C THR A 36 -18.53 5.71 3.80
N PRO A 37 -18.79 6.75 3.00
CA PRO A 37 -19.27 6.50 1.64
C PRO A 37 -18.34 5.56 0.89
N GLU A 38 -17.05 5.72 1.14
CA GLU A 38 -16.05 4.92 0.46
C GLU A 38 -16.15 3.46 0.88
N GLY A 39 -16.32 3.22 2.18
CA GLY A 39 -16.43 1.87 2.69
C GLY A 39 -17.67 1.16 2.15
N ILE A 40 -18.81 1.86 2.17
CA ILE A 40 -20.05 1.32 1.63
C ILE A 40 -19.86 0.97 0.16
N ALA A 41 -19.29 1.91 -0.59
CA ALA A 41 -19.05 1.69 -2.01
C ALA A 41 -18.12 0.50 -2.25
N SER A 42 -17.07 0.36 -1.45
CA SER A 42 -16.16 -0.77 -1.61
C SER A 42 -16.84 -2.12 -1.37
N GLY A 43 -17.74 -2.17 -0.39
CA GLY A 43 -18.47 -3.39 -0.11
C GLY A 43 -19.33 -3.80 -1.31
N GLN A 44 -20.02 -2.83 -1.88
CA GLN A 44 -20.87 -3.09 -3.03
C GLN A 44 -20.08 -3.44 -4.29
N ARG A 45 -18.92 -2.82 -4.45
CA ARG A 45 -18.06 -3.07 -5.58
C ARG A 45 -17.58 -4.50 -5.56
N TYR A 46 -17.17 -4.97 -4.39
CA TYR A 46 -16.75 -6.36 -4.27
C TYR A 46 -17.89 -7.32 -4.58
N GLN A 47 -19.10 -7.00 -4.14
CA GLN A 47 -20.22 -7.87 -4.42
C GLN A 47 -20.36 -8.07 -5.92
N LYS A 48 -20.29 -6.97 -6.67
CA LYS A 48 -20.42 -7.04 -8.12
C LYS A 48 -19.25 -7.79 -8.77
N TYR A 49 -18.04 -7.54 -8.30
CA TYR A 49 -16.86 -8.22 -8.81
C TYR A 49 -16.92 -9.73 -8.61
N SER A 50 -17.29 -10.13 -7.39
CA SER A 50 -17.03 -11.49 -6.92
C SER A 50 -17.73 -12.55 -7.76
N THR A 51 -18.90 -12.20 -8.30
CA THR A 51 -19.70 -13.13 -9.08
C THR A 51 -19.71 -12.79 -10.57
N ASN A 52 -18.92 -11.82 -11.00
CA ASN A 52 -18.77 -11.52 -12.42
C ASN A 52 -17.82 -12.55 -12.99
N SER A 53 -18.16 -13.14 -14.13
CA SER A 53 -17.33 -14.18 -14.73
C SER A 53 -15.87 -13.75 -14.93
N LEU A 54 -15.66 -12.46 -15.18
CA LEU A 54 -14.30 -11.99 -15.48
C LEU A 54 -13.38 -12.02 -14.26
N SER A 55 -13.95 -12.06 -13.06
CA SER A 55 -13.12 -12.15 -11.86
C SER A 55 -12.42 -13.50 -11.73
N ARG A 56 -12.87 -14.48 -12.52
CA ARG A 56 -12.28 -15.81 -12.46
C ARG A 56 -11.41 -16.05 -13.68
N THR A 57 -10.86 -14.98 -14.23
CA THR A 57 -9.86 -15.05 -15.30
C THR A 57 -8.56 -14.40 -14.82
N PRO A 58 -7.41 -14.81 -15.39
CA PRO A 58 -6.16 -14.14 -14.99
C PRO A 58 -6.11 -12.73 -15.58
N PRO A 59 -5.50 -11.77 -14.86
CA PRO A 59 -4.79 -11.93 -13.59
C PRO A 59 -5.70 -11.76 -12.35
N PHE A 60 -6.96 -11.43 -12.57
CA PHE A 60 -7.89 -11.16 -11.47
C PHE A 60 -7.95 -12.30 -10.47
N SER A 61 -8.02 -13.53 -10.98
CA SER A 61 -8.02 -14.72 -10.13
C SER A 61 -6.87 -14.72 -9.13
N GLN A 62 -5.67 -14.40 -9.62
CA GLN A 62 -4.47 -14.44 -8.81
C GLN A 62 -4.40 -13.22 -7.87
N TRP A 63 -4.83 -12.05 -8.37
CA TRP A 63 -4.83 -10.85 -7.52
C TRP A 63 -5.78 -11.04 -6.33
N GLY A 64 -6.91 -11.69 -6.56
CA GLY A 64 -7.88 -11.92 -5.49
C GLY A 64 -7.57 -13.02 -4.48
N ALA A 65 -6.63 -13.90 -4.82
CA ALA A 65 -6.26 -15.03 -3.96
C ALA A 65 -4.77 -15.26 -4.07
N PRO A 66 -3.99 -14.36 -3.45
CA PRO A 66 -2.54 -14.38 -3.68
C PRO A 66 -1.82 -15.52 -3.00
N GLN A 67 -0.88 -16.12 -3.72
CA GLN A 67 0.19 -16.92 -3.14
C GLN A 67 1.14 -15.99 -2.38
N LEU A 68 1.78 -16.50 -1.33
CA LEU A 68 2.78 -15.71 -0.63
C LEU A 68 3.73 -15.03 -1.61
N LEU A 69 3.86 -13.71 -1.47
CA LEU A 69 4.73 -12.92 -2.33
C LEU A 69 5.56 -12.03 -1.43
N THR A 70 6.87 -12.08 -1.64
CA THR A 70 7.81 -11.36 -0.81
C THR A 70 8.83 -10.67 -1.72
N PRO A 71 8.46 -9.49 -2.24
CA PRO A 71 9.40 -8.88 -3.18
C PRO A 71 10.62 -8.34 -2.42
N LYS A 72 11.77 -8.51 -3.03
CA LYS A 72 13.00 -8.18 -2.33
C LYS A 72 13.82 -7.12 -3.06
N SER A 73 13.25 -6.49 -4.10
CA SER A 73 13.93 -5.47 -4.87
C SER A 73 12.98 -4.33 -5.19
N ALA A 74 13.55 -3.13 -5.31
CA ALA A 74 12.76 -1.96 -5.63
C ALA A 74 11.99 -2.10 -6.94
N GLN A 75 12.65 -2.64 -7.97
CA GLN A 75 11.99 -2.75 -9.26
C GLN A 75 10.74 -3.65 -9.18
N GLU A 76 10.76 -4.69 -8.35
CA GLU A 76 9.56 -5.52 -8.21
C GLU A 76 8.37 -4.73 -7.67
N TYR A 77 8.61 -3.83 -6.74
CA TYR A 77 7.52 -3.01 -6.21
C TYR A 77 6.99 -2.05 -7.27
N ILE A 78 7.89 -1.45 -8.04
CA ILE A 78 7.47 -0.57 -9.12
C ILE A 78 6.62 -1.34 -10.15
N LYS A 79 7.07 -2.54 -10.52
CA LYS A 79 6.31 -3.35 -11.45
CA LYS A 79 6.31 -3.36 -11.45
C LYS A 79 4.95 -3.75 -10.89
N PHE A 80 4.89 -4.02 -9.60
CA PHE A 80 3.62 -4.39 -8.96
C PHE A 80 2.59 -3.27 -9.17
N ALA A 81 2.99 -2.04 -8.90
CA ALA A 81 2.10 -0.90 -9.10
C ALA A 81 1.71 -0.75 -10.57
N GLN A 82 2.67 -0.90 -11.47
CA GLN A 82 2.41 -0.78 -12.88
C GLN A 82 1.37 -1.81 -13.34
N GLN A 83 1.56 -3.05 -12.94
CA GLN A 83 0.70 -4.14 -13.38
C GLN A 83 -0.71 -4.00 -12.84
N ARG A 84 -0.83 -3.57 -11.59
CA ARG A 84 -2.16 -3.43 -11.00
C ARG A 84 -2.91 -2.25 -11.56
N ASN A 85 -2.23 -1.28 -12.18
CA ASN A 85 -2.86 -0.10 -12.77
C ASN A 85 -3.23 -0.27 -14.24
N LYS A 86 -2.94 -1.41 -14.82
CA LYS A 86 -3.38 -1.67 -16.18
C LYS A 86 -4.91 -1.76 -16.25
N LYS A 87 -5.50 -1.07 -17.23
CA LYS A 87 -6.93 -1.11 -17.43
C LYS A 87 -7.26 -2.11 -18.50
N SER A 88 -8.13 -3.04 -18.18
CA SER A 88 -8.59 -4.01 -19.15
C SER A 88 -10.04 -3.75 -19.43
N SER A 89 -10.65 -4.66 -20.18
CA SER A 89 -12.05 -4.59 -20.51
C SER A 89 -12.96 -4.74 -19.29
N PHE A 90 -12.45 -5.34 -18.22
CA PHE A 90 -13.26 -5.59 -17.04
C PHE A 90 -13.52 -4.28 -16.31
N LYS A 91 -14.77 -3.85 -16.29
CA LYS A 91 -15.17 -2.68 -15.50
CA LYS A 91 -15.23 -2.65 -15.59
C LYS A 91 -16.41 -2.94 -14.65
N ILE A 92 -16.52 -2.16 -13.59
CA ILE A 92 -17.64 -2.17 -12.66
C ILE A 92 -18.07 -0.71 -12.48
N ASP A 93 -19.37 -0.46 -12.61
CA ASP A 93 -19.91 0.90 -12.56
C ASP A 93 -19.12 1.85 -13.47
N GLY A 94 -18.75 1.34 -14.64
CA GLY A 94 -18.04 2.13 -15.63
C GLY A 94 -16.58 2.42 -15.33
N GLU A 95 -16.06 1.80 -14.26
N GLU A 95 -16.05 1.84 -14.25
CA GLU A 95 -14.69 2.03 -13.82
CA GLU A 95 -14.67 2.07 -13.86
C GLU A 95 -13.86 0.75 -13.97
C GLU A 95 -13.88 0.77 -13.99
N ALA A 96 -12.70 0.87 -14.60
CA ALA A 96 -11.83 -0.27 -14.79
C ALA A 96 -11.49 -0.91 -13.46
N VAL A 97 -11.55 -2.22 -13.43
CA VAL A 97 -11.28 -2.99 -12.22
C VAL A 97 -9.78 -3.13 -11.94
N ARG A 98 -9.43 -2.80 -10.70
CA ARG A 98 -8.13 -3.12 -10.09
C ARG A 98 -8.43 -3.88 -8.82
N VAL A 99 -7.57 -4.83 -8.45
CA VAL A 99 -7.86 -5.71 -7.34
C VAL A 99 -6.67 -5.85 -6.42
N SER A 100 -6.92 -5.84 -5.11
CA SER A 100 -5.90 -6.21 -4.15
C SER A 100 -6.56 -6.68 -2.84
N GLU A 101 -5.74 -6.90 -1.80
CA GLU A 101 -6.22 -7.48 -0.55
C GLU A 101 -5.20 -7.17 0.55
N CYS A 102 -5.48 -7.65 1.76
CA CYS A 102 -4.80 -7.19 2.98
C CYS A 102 -3.29 -7.41 2.97
N SER A 103 -2.85 -8.49 2.33
N SER A 103 -2.84 -8.46 2.26
CA SER A 103 -1.44 -8.82 2.28
CA SER A 103 -1.44 -8.86 2.29
C SER A 103 -0.65 -7.96 1.31
C SER A 103 -0.54 -8.16 1.26
N ASN A 104 -1.01 -7.97 0.04
CA ASN A 104 -0.12 -7.43 -1.01
C ASN A 104 -0.40 -6.00 -1.37
N PHE A 105 -1.51 -5.39 -0.94
CA PHE A 105 -1.83 -4.06 -1.44
C PHE A 105 -0.70 -3.06 -1.17
N ALA A 106 -0.07 -3.13 0.00
CA ALA A 106 0.98 -2.22 0.38
C ALA A 106 2.11 -2.18 -0.65
N TYR A 107 2.31 -3.25 -1.40
CA TYR A 107 3.39 -3.32 -2.38
C TYR A 107 3.17 -2.26 -3.46
N HIS A 108 1.91 -1.96 -3.78
CA HIS A 108 1.60 -0.95 -4.79
C HIS A 108 2.19 0.38 -4.35
N SER A 109 1.88 0.80 -3.12
N SER A 109 1.91 0.76 -3.10
CA SER A 109 2.40 2.07 -2.60
CA SER A 109 2.37 2.05 -2.59
C SER A 109 3.90 2.06 -2.45
C SER A 109 3.90 2.08 -2.40
N ALA A 110 4.51 0.95 -2.08
CA ALA A 110 5.96 0.88 -2.06
C ALA A 110 6.53 1.22 -3.44
N GLY A 111 5.91 0.69 -4.50
CA GLY A 111 6.35 1.03 -5.86
C GLY A 111 6.19 2.50 -6.18
N VAL A 112 5.03 3.07 -5.87
CA VAL A 112 4.80 4.49 -6.10
C VAL A 112 5.88 5.34 -5.44
N LEU A 113 6.20 5.01 -4.19
CA LEU A 113 7.15 5.78 -3.42
C LEU A 113 8.58 5.58 -3.89
N LEU A 114 8.95 4.36 -4.22
CA LEU A 114 10.29 4.04 -4.73
C LEU A 114 10.52 4.69 -6.09
N ASP A 115 9.46 4.97 -6.83
CA ASP A 115 9.56 5.55 -8.16
C ASP A 115 9.74 7.05 -8.12
N ASP A 116 9.67 7.67 -6.95
CA ASP A 116 9.73 9.12 -6.81
C ASP A 116 11.13 9.59 -6.43
N PRO A 117 11.74 10.45 -7.25
CA PRO A 117 13.14 10.83 -6.98
C PRO A 117 13.32 11.69 -5.73
N GLN A 118 12.32 12.50 -5.39
N GLN A 118 12.31 12.48 -5.37
CA GLN A 118 12.44 13.33 -4.20
CA GLN A 118 12.43 13.33 -4.20
C GLN A 118 12.31 12.45 -2.95
C GLN A 118 12.21 12.54 -2.91
N ILE A 119 11.46 11.44 -3.01
CA ILE A 119 11.35 10.52 -1.89
C ILE A 119 12.71 9.83 -1.68
N ARG A 120 13.37 9.45 -2.77
CA ARG A 120 14.66 8.74 -2.68
C ARG A 120 15.67 9.45 -1.79
N THR A 121 15.68 10.79 -1.82
CA THR A 121 16.72 11.50 -1.09
C THR A 121 16.32 11.91 0.33
N GLN A 122 15.04 11.76 0.66
CA GLN A 122 14.53 12.14 1.97
C GLN A 122 14.18 10.95 2.86
N TYR A 123 13.71 9.84 2.28
CA TYR A 123 13.26 8.70 3.04
C TYR A 123 13.83 7.42 2.46
N ASP A 124 14.01 6.44 3.34
CA ASP A 124 14.12 5.05 2.93
C ASP A 124 12.72 4.43 3.00
N VAL A 125 12.52 3.32 2.25
CA VAL A 125 11.22 2.66 2.19
C VAL A 125 11.37 1.29 2.80
N ALA A 126 10.38 0.88 3.58
CA ALA A 126 10.36 -0.47 4.12
C ALA A 126 8.98 -1.06 3.93
N VAL A 127 8.91 -2.38 3.90
CA VAL A 127 7.62 -3.08 3.88
C VAL A 127 7.63 -4.07 5.03
N ILE A 128 6.58 -4.03 5.81
CA ILE A 128 6.47 -4.80 7.04
C ILE A 128 5.22 -5.65 7.05
N GLY A 129 5.32 -6.79 7.71
CA GLY A 129 4.16 -7.57 8.06
C GLY A 129 3.67 -7.14 9.42
N SER A 130 2.38 -6.86 9.48
CA SER A 130 1.75 -6.32 10.67
C SER A 130 0.43 -7.06 10.94
N MET A 131 -0.38 -6.58 11.88
CA MET A 131 -1.62 -7.27 12.25
C MET A 131 -1.32 -8.72 12.61
N HIS A 132 -0.43 -8.86 13.57
CA HIS A 132 0.02 -10.15 14.03
C HIS A 132 -1.09 -10.90 14.72
N SER A 133 -1.19 -12.18 14.38
CA SER A 133 -2.19 -13.09 14.92
C SER A 133 -1.67 -14.51 14.87
N ASN A 134 -1.51 -15.11 16.02
CA ASN A 134 -1.07 -16.50 16.09
C ASN A 134 0.12 -16.85 15.20
N GLY A 135 1.14 -16.01 15.22
CA GLY A 135 2.37 -16.31 14.51
C GLY A 135 2.35 -15.88 13.06
N ARG A 136 1.17 -15.45 12.59
CA ARG A 136 1.00 -14.93 11.24
C ARG A 136 0.90 -13.40 11.29
N TYR A 137 1.32 -12.76 10.23
CA TYR A 137 1.15 -11.32 10.08
C TYR A 137 0.16 -11.10 8.93
N LEU A 138 -1.07 -10.73 9.25
CA LEU A 138 -2.15 -10.72 8.26
C LEU A 138 -2.06 -9.59 7.25
N HIS A 139 -1.34 -8.53 7.57
CA HIS A 139 -1.48 -7.26 6.83
C HIS A 139 -0.13 -6.62 6.61
N ASN A 140 0.28 -6.45 5.36
CA ASN A 140 1.52 -5.74 5.09
C ASN A 140 1.26 -4.25 4.98
N ILE A 141 2.25 -3.48 5.41
CA ILE A 141 2.20 -2.03 5.46
C ILE A 141 3.50 -1.49 4.92
N THR A 142 3.46 -0.36 4.22
CA THR A 142 4.63 0.33 3.73
C THR A 142 5.00 1.45 4.67
N LEU A 143 6.30 1.62 4.91
CA LEU A 143 6.83 2.70 5.74
C LEU A 143 7.77 3.58 4.95
N LEU A 144 7.72 4.87 5.28
CA LEU A 144 8.75 5.83 4.93
C LEU A 144 9.53 6.16 6.19
N VAL A 145 10.82 5.83 6.22
N VAL A 145 10.84 5.94 6.14
CA VAL A 145 11.63 6.10 7.40
CA VAL A 145 11.67 6.10 7.32
C VAL A 145 12.68 7.15 7.04
C VAL A 145 12.73 7.14 7.02
N PRO A 146 12.95 8.08 7.96
CA PRO A 146 13.96 9.09 7.64
C PRO A 146 15.30 8.44 7.34
N LYS A 147 16.00 9.01 6.37
CA LYS A 147 17.31 8.51 5.97
C LYS A 147 18.20 8.27 7.17
N GLY A 148 18.85 7.11 7.22
CA GLY A 148 19.76 6.80 8.32
C GLY A 148 19.21 5.66 9.14
N SER A 149 17.91 5.49 9.09
CA SER A 149 17.24 4.47 9.89
C SER A 149 17.57 3.03 9.46
N ARG A 150 17.71 2.14 10.42
CA ARG A 150 17.78 0.71 10.14
C ARG A 150 16.80 0.01 11.06
N LEU A 151 15.82 -0.63 10.47
CA LEU A 151 14.81 -1.30 11.25
C LEU A 151 15.37 -2.66 11.61
N PRO A 152 14.79 -3.27 12.64
CA PRO A 152 15.19 -4.65 12.96
C PRO A 152 14.94 -5.60 11.81
N GLN A 153 15.79 -6.59 11.68
CA GLN A 153 15.63 -7.65 10.70
C GLN A 153 15.08 -8.91 11.34
N PRO A 154 14.30 -9.69 10.57
CA PRO A 154 13.81 -10.95 11.15
C PRO A 154 14.97 -11.83 11.62
N PRO A 155 14.80 -12.54 12.74
CA PRO A 155 13.55 -12.72 13.48
C PRO A 155 13.28 -11.69 14.57
N GLU A 156 14.06 -10.62 14.65
CA GLU A 156 13.72 -9.56 15.59
C GLU A 156 12.43 -8.86 15.12
N GLN A 157 11.55 -8.52 16.06
CA GLN A 157 10.33 -7.80 15.72
C GLN A 157 10.51 -6.29 15.80
N LEU A 158 9.73 -5.61 14.96
CA LEU A 158 9.57 -4.19 15.01
C LEU A 158 8.51 -3.87 16.06
N THR A 159 8.88 -3.04 17.02
CA THR A 159 8.01 -2.56 18.08
C THR A 159 8.19 -1.04 18.20
N ALA A 160 7.36 -0.40 19.03
CA ALA A 160 7.36 1.04 19.12
C ALA A 160 8.72 1.61 19.52
N GLU A 161 9.46 0.89 20.36
CA GLU A 161 10.71 1.46 20.88
C GLU A 161 11.86 1.38 19.87
N VAL A 162 11.64 0.70 18.75
CA VAL A 162 12.62 0.69 17.66
C VAL A 162 11.98 1.22 16.35
N PHE A 163 10.97 2.06 16.49
CA PHE A 163 10.26 2.70 15.35
C PHE A 163 10.76 4.16 15.27
N PRO A 164 11.49 4.52 14.20
CA PRO A 164 12.16 5.83 14.20
C PRO A 164 11.22 7.02 14.26
N ILE A 165 11.69 8.08 14.92
CA ILE A 165 11.03 9.38 14.88
C ILE A 165 10.88 9.78 13.43
N GLY A 166 9.69 10.23 13.05
CA GLY A 166 9.48 10.72 11.71
C GLY A 166 9.02 9.66 10.72
N THR A 167 8.83 8.43 11.17
CA THR A 167 8.32 7.39 10.28
C THR A 167 6.89 7.70 9.87
N LEU A 168 6.60 7.53 8.58
CA LEU A 168 5.25 7.65 8.04
C LEU A 168 4.73 6.30 7.54
N ILE A 169 3.47 6.04 7.84
CA ILE A 169 2.81 4.81 7.47
C ILE A 169 2.04 5.02 6.16
N VAL A 170 2.01 4.00 5.32
CA VAL A 170 1.33 4.03 4.03
C VAL A 170 0.57 2.68 3.89
N ASP A 171 -0.74 2.77 3.89
CA ASP A 171 -1.60 1.60 3.94
C ASP A 171 -2.75 1.77 2.94
N PRO A 172 -2.52 1.44 1.66
CA PRO A 172 -3.59 1.59 0.68
C PRO A 172 -4.81 0.69 0.95
N TRP A 173 -4.61 -0.49 1.55
CA TRP A 173 -5.74 -1.33 1.91
C TRP A 173 -6.69 -0.62 2.86
N ALA A 174 -6.16 0.14 3.81
CA ALA A 174 -7.03 0.89 4.70
C ALA A 174 -7.94 1.84 3.91
N VAL A 175 -7.40 2.43 2.84
CA VAL A 175 -8.17 3.35 1.98
C VAL A 175 -9.21 2.57 1.15
N GLY A 176 -8.81 1.41 0.64
CA GLY A 176 -9.76 0.51 0.01
C GLY A 176 -10.90 0.11 0.93
N MET A 177 -10.61 0.00 2.21
CA MET A 177 -11.53 -0.36 3.28
C MET A 177 -12.25 0.88 3.86
N GLY A 178 -12.19 2.00 3.16
CA GLY A 178 -13.03 3.14 3.47
C GLY A 178 -12.43 4.21 4.35
N HIS A 179 -11.20 4.02 4.84
CA HIS A 179 -10.58 5.03 5.69
C HIS A 179 -10.02 6.16 4.84
N PRO A 180 -10.04 7.38 5.37
CA PRO A 180 -9.53 8.51 4.59
C PRO A 180 -8.00 8.54 4.50
N PRO A 181 -7.47 9.31 3.54
CA PRO A 181 -6.02 9.43 3.42
C PRO A 181 -5.34 9.85 4.72
N GLU A 182 -6.02 10.67 5.51
CA GLU A 182 -5.42 11.19 6.73
C GLU A 182 -5.24 10.12 7.80
N GLN A 183 -5.81 8.94 7.59
N GLN A 183 -5.82 8.94 7.58
CA GLN A 183 -5.59 7.81 8.49
CA GLN A 183 -5.64 7.79 8.46
C GLN A 183 -4.81 6.68 7.85
C GLN A 183 -4.80 6.69 7.85
N ALA A 184 -4.22 6.92 6.67
CA ALA A 184 -3.61 5.80 5.94
C ALA A 184 -2.48 6.14 5.00
N LEU A 185 -2.45 7.33 4.41
CA LEU A 185 -1.51 7.63 3.33
C LEU A 185 -0.47 8.67 3.79
N ALA A 186 0.67 8.16 4.26
CA ALA A 186 1.83 8.93 4.68
C ALA A 186 1.53 9.75 5.93
N ILE A 187 1.18 9.04 6.99
CA ILE A 187 0.78 9.66 8.25
C ILE A 187 1.52 9.03 9.43
N PRO A 188 1.68 9.78 10.52
CA PRO A 188 2.28 9.20 11.72
C PRO A 188 1.39 8.18 12.40
N LYS A 189 1.98 7.33 13.23
CA LYS A 189 1.22 6.26 13.87
C LYS A 189 0.03 6.74 14.67
N GLU A 190 0.10 7.93 15.26
CA GLU A 190 -1.03 8.43 16.03
C GLU A 190 -2.29 8.65 15.21
N GLN A 191 -2.09 8.92 13.91
N GLN A 191 -2.17 8.77 13.90
CA GLN A 191 -3.14 9.16 12.90
CA GLN A 191 -3.36 8.99 13.10
C GLN A 191 -3.63 7.85 12.23
C GLN A 191 -3.67 7.81 12.23
N PHE A 192 -2.93 6.73 12.41
CA PHE A 192 -3.16 5.54 11.58
C PHE A 192 -4.40 4.76 12.02
N ALA A 193 -5.22 4.40 11.04
CA ALA A 193 -6.47 3.68 11.27
C ALA A 193 -6.31 2.43 12.12
N TYR A 194 -5.23 1.68 11.91
CA TYR A 194 -5.06 0.39 12.59
C TYR A 194 -3.87 0.44 13.55
N ASN A 195 -3.74 1.56 14.25
CA ASN A 195 -2.56 1.75 15.06
C ASN A 195 -2.45 0.85 16.28
N ARG A 196 -3.52 0.22 16.76
CA ARG A 196 -3.38 -0.74 17.86
C ARG A 196 -2.94 -2.14 17.41
N SER A 197 -2.93 -2.38 16.12
CA SER A 197 -2.45 -3.65 15.59
C SER A 197 -1.15 -3.48 14.82
N LEU A 198 -0.59 -2.27 14.82
CA LEU A 198 0.64 -1.98 14.07
C LEU A 198 1.81 -2.84 14.56
N PHE A 199 1.97 -2.89 15.88
CA PHE A 199 3.07 -3.65 16.50
C PHE A 199 2.49 -4.85 17.25
N PRO A 200 3.23 -5.98 17.31
CA PRO A 200 4.56 -6.20 16.72
C PRO A 200 4.46 -6.44 15.22
N ALA A 201 5.56 -6.16 14.54
CA ALA A 201 5.64 -6.31 13.10
C ALA A 201 6.96 -6.98 12.73
N THR A 202 7.05 -7.43 11.49
CA THR A 202 8.26 -8.01 10.96
C THR A 202 8.67 -7.25 9.71
N VAL A 203 9.95 -7.00 9.53
CA VAL A 203 10.39 -6.16 8.43
C VAL A 203 10.88 -7.00 7.27
N ASN A 204 10.09 -7.08 6.21
CA ASN A 204 10.38 -7.96 5.11
C ASN A 204 11.23 -7.35 4.00
N TYR A 205 11.26 -6.04 3.92
CA TYR A 205 12.06 -5.35 2.91
C TYR A 205 12.50 -4.01 3.46
N GLN A 206 13.77 -3.68 3.22
CA GLN A 206 14.31 -2.35 3.51
C GLN A 206 15.08 -1.88 2.29
N SER A 207 14.66 -0.79 1.66
CA SER A 207 15.38 -0.27 0.51
C SER A 207 16.82 0.08 0.86
N ALA A 208 17.06 0.45 2.12
CA ALA A 208 18.41 0.77 2.59
C ALA A 208 19.37 -0.42 2.48
N LEU A 209 18.84 -1.65 2.41
CA LEU A 209 19.62 -2.87 2.30
C LEU A 209 19.59 -3.45 0.89
N ASP A 210 18.96 -2.78 -0.05
CA ASP A 210 18.74 -3.29 -1.40
C ASP A 210 19.83 -2.74 -2.33
N GLU A 211 20.77 -3.60 -2.72
CA GLU A 211 21.88 -3.15 -3.57
C GLU A 211 21.45 -2.71 -4.97
N SER A 212 20.24 -3.10 -5.38
CA SER A 212 19.72 -2.74 -6.69
C SER A 212 19.04 -1.38 -6.69
N LEU A 213 18.89 -0.76 -5.53
CA LEU A 213 18.08 0.47 -5.47
C LEU A 213 18.65 1.57 -6.37
N THR A 214 19.95 1.79 -6.29
CA THR A 214 20.55 2.94 -6.97
C THR A 214 20.40 2.87 -8.49
N SER A 215 20.40 1.66 -9.03
CA SER A 215 20.24 1.47 -10.47
C SER A 215 18.78 1.34 -10.89
N THR A 216 17.86 1.54 -9.95
CA THR A 216 16.44 1.49 -10.26
C THR A 216 15.98 2.90 -10.65
N ARG A 217 15.55 3.01 -11.90
CA ARG A 217 15.07 4.25 -12.47
C ARG A 217 13.88 4.82 -11.71
N THR A 218 13.80 6.13 -11.60
CA THR A 218 12.61 6.79 -11.11
C THR A 218 11.76 7.31 -12.26
N GLY A 219 10.51 7.69 -11.99
CA GLY A 219 9.64 8.22 -13.03
C GLY A 219 9.14 7.15 -14.00
N GLN A 220 9.21 5.89 -13.61
CA GLN A 220 8.69 4.81 -14.43
C GLN A 220 7.17 4.77 -14.46
N LEU A 221 6.53 5.27 -13.41
CA LEU A 221 5.08 5.13 -13.28
C LEU A 221 4.34 6.38 -13.73
N THR A 222 3.17 6.17 -14.31
CA THR A 222 2.24 7.26 -14.55
C THR A 222 1.24 7.27 -13.40
N PRO A 223 1.09 8.40 -12.69
CA PRO A 223 0.04 8.44 -11.68
C PRO A 223 -1.31 8.04 -12.26
N TYR A 224 -2.11 7.32 -11.50
CA TYR A 224 -3.33 6.76 -12.07
C TYR A 224 -4.30 7.85 -12.52
N THR A 225 -4.32 8.95 -11.79
CA THR A 225 -5.07 10.15 -12.15
C THR A 225 -4.21 11.39 -11.88
N GLY A 226 -4.58 12.48 -12.52
CA GLY A 226 -3.91 13.73 -12.27
C GLY A 226 -4.71 14.53 -11.25
N THR A 227 -4.01 15.14 -10.30
CA THR A 227 -4.67 15.90 -9.26
C THR A 227 -5.51 17.02 -9.89
N PRO A 228 -6.76 17.16 -9.44
CA PRO A 228 -7.59 18.28 -9.94
C PRO A 228 -7.03 19.64 -9.54
N SER A 229 -7.30 20.68 -10.34
CA SER A 229 -6.80 22.01 -10.01
C SER A 229 -7.65 22.64 -8.91
#